data_1GHB
#
_entry.id   1GHB
#
_cell.length_a   69.600
_cell.length_b   69.600
_cell.length_c   97.510
_cell.angle_alpha   90.00
_cell.angle_beta   90.00
_cell.angle_gamma   90.00
#
_symmetry.space_group_name_H-M   'P 42 21 2'
#
loop_
_entity.id
_entity.type
_entity.pdbx_description
1 polymer GAMMA-CHYMOTRYPSIN
2 polymer GAMMA-CHYMOTRYPSIN
3 polymer GAMMA-CHYMOTRYPSIN
4 polymer PRO-GLY-ALA
5 non-polymer 'ACETYL GROUP'
6 non-polymer TRYPTOPHAN
7 non-polymer HEXANE
8 non-polymer 'ISOPROPYL ALCOHOL'
9 water water
#
loop_
_entity_poly.entity_id
_entity_poly.type
_entity_poly.pdbx_seq_one_letter_code
_entity_poly.pdbx_strand_id
1 'polypeptide(L)' CGVPAIQPVLSGL E
2 'polypeptide(L)'
;IVNGEEAVPGSWPWQVSLQDKTGFHFCGGSLINENWVVTAAHCGVTTSDVVVAGEFDQGSSSEKIQKLKIAKVFKNSKYN
SLTINNDITLLKLSTAASFSQTVSAVCLPSASDDFAAGTTCVTTGWGLTRY
;
F
3 'polypeptide(L)'
;ANTPDRLQQASLPLLSNTNCKKYWGTKIKDAMICAGASGVSSCMGDSGGPLVCKKNGAWTLVGIVSWGSSTCSTSTPGVY
ARVTALVNWVQQTLAAN
;
G
4 'polypeptide(L)' PGA P
#
# COMPACT_ATOMS: atom_id res chain seq x y z
N CYS A 1 -14.43 -1.18 -9.36
CA CYS A 1 -13.33 -1.25 -8.35
C CYS A 1 -13.83 -1.07 -6.90
N GLY A 2 -12.93 -1.28 -5.93
CA GLY A 2 -13.23 -1.09 -4.51
C GLY A 2 -14.23 -1.96 -3.77
N VAL A 3 -14.85 -2.93 -4.46
CA VAL A 3 -15.85 -3.79 -3.83
C VAL A 3 -15.51 -5.30 -3.95
N PRO A 4 -14.73 -5.84 -3.00
CA PRO A 4 -14.31 -7.25 -2.99
C PRO A 4 -15.43 -8.30 -3.02
N ALA A 5 -15.15 -9.46 -3.63
CA ALA A 5 -16.11 -10.55 -3.71
C ALA A 5 -16.23 -11.20 -2.34
N ILE A 6 -15.11 -11.30 -1.63
CA ILE A 6 -15.04 -11.83 -0.26
C ILE A 6 -15.07 -10.53 0.53
N GLN A 7 -15.98 -10.40 1.48
CA GLN A 7 -16.04 -9.14 2.24
C GLN A 7 -15.17 -9.06 3.51
N PRO A 8 -14.50 -7.90 3.72
CA PRO A 8 -13.65 -7.73 4.90
C PRO A 8 -14.48 -7.76 6.19
N VAL A 9 -13.80 -8.10 7.28
CA VAL A 9 -14.40 -8.18 8.61
C VAL A 9 -13.31 -7.58 9.51
N LEU A 10 -13.62 -6.47 10.17
CA LEU A 10 -12.67 -5.77 11.03
C LEU A 10 -13.00 -5.95 12.53
N SER A 11 -12.16 -6.52 13.26
N ILE B 1 2.27 -5.04 10.21
CA ILE B 1 1.33 -4.27 11.08
C ILE B 1 1.60 -4.77 12.51
N VAL B 2 2.02 -3.85 13.37
CA VAL B 2 2.28 -4.16 14.77
C VAL B 2 0.91 -3.93 15.42
N ASN B 3 0.38 -4.97 16.03
CA ASN B 3 -0.91 -4.93 16.71
C ASN B 3 -2.12 -4.98 15.79
N GLY B 4 -1.93 -5.63 14.64
CA GLY B 4 -3.00 -5.76 13.69
C GLY B 4 -3.72 -7.07 13.86
N GLU B 5 -4.60 -7.40 12.93
CA GLU B 5 -5.37 -8.63 12.97
C GLU B 5 -5.17 -9.35 11.67
N GLU B 6 -5.41 -10.66 11.72
CA GLU B 6 -5.31 -11.55 10.57
C GLU B 6 -6.52 -11.23 9.66
N ALA B 7 -6.25 -10.92 8.39
CA ALA B 7 -7.30 -10.59 7.43
C ALA B 7 -8.06 -11.85 7.04
N VAL B 8 -9.23 -11.65 6.46
CA VAL B 8 -10.06 -12.73 5.98
C VAL B 8 -9.51 -13.06 4.57
N PRO B 9 -9.26 -14.35 4.27
CA PRO B 9 -8.74 -14.77 2.97
C PRO B 9 -9.55 -14.26 1.78
N GLY B 10 -8.88 -13.58 0.86
CA GLY B 10 -9.56 -13.05 -0.31
C GLY B 10 -10.23 -11.71 -0.14
N SER B 11 -10.38 -11.25 1.10
CA SER B 11 -11.06 -9.98 1.39
C SER B 11 -10.36 -8.68 0.92
N TRP B 12 -9.04 -8.72 0.74
CA TRP B 12 -8.33 -7.54 0.26
C TRP B 12 -7.68 -7.92 -1.09
N PRO B 13 -8.53 -8.11 -2.11
CA PRO B 13 -8.22 -8.49 -3.48
C PRO B 13 -7.01 -7.83 -4.17
N TRP B 14 -6.93 -6.51 -4.07
CA TRP B 14 -5.87 -5.73 -4.72
C TRP B 14 -4.51 -5.86 -4.06
N GLN B 15 -4.46 -6.36 -2.84
CA GLN B 15 -3.18 -6.50 -2.17
C GLN B 15 -2.33 -7.57 -2.85
N VAL B 16 -1.12 -7.18 -3.21
CA VAL B 16 -0.13 -8.05 -3.85
C VAL B 16 1.14 -7.97 -3.03
N SER B 17 1.98 -8.98 -3.20
CA SER B 17 3.25 -9.09 -2.51
C SER B 17 4.37 -8.94 -3.53
N LEU B 18 5.33 -8.08 -3.24
CA LEU B 18 6.47 -7.91 -4.12
C LEU B 18 7.56 -8.75 -3.52
N GLN B 19 8.15 -9.63 -4.32
CA GLN B 19 9.22 -10.52 -3.90
C GLN B 19 10.33 -10.59 -4.95
N ASP B 20 11.57 -10.67 -4.48
CA ASP B 20 12.70 -10.81 -5.40
C ASP B 20 12.76 -12.26 -5.91
N LYS B 21 13.77 -12.63 -6.68
CA LYS B 21 13.86 -14.02 -7.18
C LYS B 21 14.36 -15.05 -6.16
N THR B 22 14.45 -14.61 -4.91
CA THR B 22 14.88 -15.44 -3.81
C THR B 22 13.63 -15.95 -3.06
N GLY B 23 12.48 -15.37 -3.40
CA GLY B 23 11.21 -15.71 -2.79
C GLY B 23 10.79 -14.75 -1.69
N PHE B 24 11.74 -13.91 -1.28
CA PHE B 24 11.57 -12.93 -0.22
C PHE B 24 10.67 -11.74 -0.54
N HIS B 25 9.70 -11.52 0.34
CA HIS B 25 8.73 -10.45 0.28
C HIS B 25 9.38 -9.23 0.93
N PHE B 26 9.58 -8.19 0.12
CA PHE B 26 10.19 -6.97 0.65
C PHE B 26 9.20 -5.81 0.79
N CYS B 27 8.21 -5.80 -0.10
CA CYS B 27 7.22 -4.73 -0.14
C CYS B 27 5.87 -5.28 -0.52
N GLY B 28 4.86 -4.43 -0.35
CA GLY B 28 3.48 -4.75 -0.70
C GLY B 28 3.14 -3.98 -1.98
N GLY B 29 1.86 -3.96 -2.36
CA GLY B 29 1.47 -3.25 -3.56
C GLY B 29 -0.03 -3.35 -3.70
N SER B 30 -0.55 -2.72 -4.76
CA SER B 30 -1.98 -2.70 -5.03
C SER B 30 -2.28 -2.65 -6.52
N LEU B 31 -3.17 -3.56 -6.93
CA LEU B 31 -3.63 -3.66 -8.30
C LEU B 31 -4.65 -2.56 -8.51
N ILE B 32 -4.36 -1.68 -9.48
CA ILE B 32 -5.23 -0.57 -9.82
C ILE B 32 -6.06 -0.94 -11.05
N ASN B 33 -5.65 -2.04 -11.70
CA ASN B 33 -6.28 -2.67 -12.87
C ASN B 33 -5.44 -3.93 -13.23
N GLU B 34 -5.90 -4.72 -14.20
CA GLU B 34 -5.20 -5.96 -14.55
C GLU B 34 -3.78 -5.94 -15.14
N ASN B 35 -3.21 -4.77 -15.39
CA ASN B 35 -1.87 -4.68 -15.97
C ASN B 35 -0.99 -3.70 -15.21
N TRP B 36 -1.52 -3.10 -14.16
CA TRP B 36 -0.77 -2.10 -13.41
C TRP B 36 -0.84 -2.23 -11.92
N VAL B 37 0.32 -2.14 -11.29
CA VAL B 37 0.47 -2.26 -9.85
C VAL B 37 1.16 -1.02 -9.27
N VAL B 38 0.56 -0.43 -8.22
CA VAL B 38 1.12 0.72 -7.51
C VAL B 38 1.81 0.27 -6.23
N THR B 39 3.01 0.78 -6.04
CA THR B 39 3.82 0.47 -4.88
C THR B 39 4.57 1.76 -4.58
N ALA B 40 5.50 1.68 -3.63
CA ALA B 40 6.32 2.81 -3.22
C ALA B 40 7.61 2.89 -4.04
N ALA B 41 8.01 4.10 -4.37
CA ALA B 41 9.25 4.36 -5.11
C ALA B 41 10.46 3.89 -4.33
N HIS B 42 10.43 4.07 -3.01
CA HIS B 42 11.54 3.68 -2.12
C HIS B 42 11.74 2.17 -2.03
N CYS B 43 10.74 1.41 -2.49
CA CYS B 43 10.80 -0.04 -2.50
C CYS B 43 11.93 -0.52 -3.42
N GLY B 44 12.25 0.25 -4.45
CA GLY B 44 13.32 -0.10 -5.39
C GLY B 44 13.03 -1.27 -6.30
N VAL B 45 11.81 -1.36 -6.84
CA VAL B 45 11.45 -2.49 -7.70
C VAL B 45 12.12 -2.57 -9.08
N THR B 46 12.75 -3.70 -9.38
CA THR B 46 13.40 -3.93 -10.68
C THR B 46 12.50 -4.89 -11.46
N THR B 47 12.99 -5.40 -12.60
CA THR B 47 12.21 -6.34 -13.39
C THR B 47 12.64 -7.80 -13.14
N SER B 48 13.55 -7.97 -12.19
CA SER B 48 14.01 -9.30 -11.78
C SER B 48 13.06 -9.73 -10.67
N ASP B 49 12.32 -8.74 -10.15
CA ASP B 49 11.34 -8.94 -9.09
C ASP B 49 9.98 -9.42 -9.66
N VAL B 50 9.14 -10.05 -8.83
CA VAL B 50 7.84 -10.55 -9.31
C VAL B 50 6.67 -10.05 -8.43
N VAL B 51 5.51 -9.89 -9.05
CA VAL B 51 4.29 -9.46 -8.35
C VAL B 51 3.47 -10.71 -8.06
N VAL B 52 3.09 -10.91 -6.81
CA VAL B 52 2.28 -12.10 -6.46
C VAL B 52 0.87 -11.72 -5.96
N ALA B 53 -0.12 -12.00 -6.79
CA ALA B 53 -1.51 -11.72 -6.45
C ALA B 53 -2.29 -12.99 -6.05
N GLY B 54 -3.38 -12.81 -5.31
CA GLY B 54 -4.20 -13.92 -4.88
C GLY B 54 -3.58 -14.70 -3.74
N GLU B 55 -2.89 -14.00 -2.85
CA GLU B 55 -2.21 -14.66 -1.75
C GLU B 55 -2.72 -14.18 -0.41
N PHE B 56 -2.70 -15.10 0.56
CA PHE B 56 -3.10 -14.82 1.91
C PHE B 56 -2.03 -15.40 2.81
N ASP B 57 -1.75 -16.68 2.66
CA ASP B 57 -0.76 -17.36 3.47
C ASP B 57 0.52 -17.60 2.65
N GLN B 58 1.58 -16.84 2.96
CA GLN B 58 2.87 -16.96 2.26
C GLN B 58 3.54 -18.34 2.39
N GLY B 59 3.23 -19.06 3.46
CA GLY B 59 3.77 -20.39 3.68
C GLY B 59 2.87 -21.51 3.21
N SER B 60 1.83 -21.20 2.44
CA SER B 60 0.91 -22.21 1.94
C SER B 60 1.13 -22.48 0.46
N SER B 61 1.57 -23.71 0.14
CA SER B 61 1.83 -24.11 -1.24
C SER B 61 0.60 -24.52 -2.08
N SER B 62 -0.55 -24.73 -1.43
CA SER B 62 -1.76 -25.14 -2.09
C SER B 62 -2.53 -23.96 -2.71
N GLU B 63 -2.16 -22.74 -2.34
CA GLU B 63 -2.85 -21.56 -2.86
C GLU B 63 -2.63 -21.30 -4.34
N LYS B 64 -3.72 -20.88 -4.99
CA LYS B 64 -3.75 -20.57 -6.43
C LYS B 64 -3.28 -19.11 -6.70
N ILE B 65 -2.05 -18.84 -6.29
CA ILE B 65 -1.45 -17.52 -6.46
C ILE B 65 -1.11 -17.24 -7.93
N GLN B 66 -0.93 -15.96 -8.22
CA GLN B 66 -0.58 -15.50 -9.56
C GLN B 66 0.76 -14.77 -9.57
N LYS B 67 1.78 -15.45 -10.07
CA LYS B 67 3.10 -14.86 -10.15
C LYS B 67 3.21 -14.02 -11.45
N LEU B 68 3.14 -12.71 -11.28
CA LEU B 68 3.22 -11.76 -12.37
C LEU B 68 4.57 -11.10 -12.60
N LYS B 69 5.04 -11.18 -13.85
CA LYS B 69 6.29 -10.57 -14.29
C LYS B 69 6.15 -9.07 -14.61
N ILE B 70 7.11 -8.28 -14.13
CA ILE B 70 7.16 -6.83 -14.34
C ILE B 70 7.80 -6.46 -15.68
N ALA B 71 7.09 -5.70 -16.50
CA ALA B 71 7.69 -5.34 -17.79
C ALA B 71 8.52 -4.06 -17.56
N LYS B 72 7.89 -3.04 -17.00
CA LYS B 72 8.58 -1.78 -16.77
C LYS B 72 8.26 -1.13 -15.44
N VAL B 73 9.26 -0.46 -14.88
CA VAL B 73 9.12 0.28 -13.62
C VAL B 73 9.04 1.79 -13.95
N PHE B 74 7.95 2.40 -13.55
CA PHE B 74 7.74 3.82 -13.79
C PHE B 74 7.81 4.54 -12.47
N LYS B 75 9.01 4.97 -12.11
CA LYS B 75 9.20 5.73 -10.88
C LYS B 75 8.70 7.19 -11.12
N ASN B 76 8.03 7.78 -10.13
CA ASN B 76 7.55 9.17 -10.26
C ASN B 76 8.79 10.06 -10.26
N SER B 77 9.01 10.81 -11.34
CA SER B 77 10.21 11.67 -11.39
C SER B 77 10.26 12.83 -10.36
N LYS B 78 9.13 13.05 -9.68
CA LYS B 78 9.05 14.10 -8.64
C LYS B 78 9.36 13.40 -7.28
N TYR B 79 9.80 12.14 -7.35
CA TYR B 79 10.15 11.42 -6.14
C TYR B 79 11.48 11.93 -5.62
N ASN B 80 11.49 12.22 -4.34
CA ASN B 80 12.67 12.73 -3.70
C ASN B 80 13.21 11.73 -2.72
N SER B 81 14.34 11.10 -3.08
CA SER B 81 15.05 10.09 -2.26
C SER B 81 15.54 10.63 -0.94
N LEU B 82 15.83 11.91 -0.89
CA LEU B 82 16.35 12.55 0.31
C LEU B 82 15.25 12.85 1.31
N THR B 83 14.09 13.29 0.83
CA THR B 83 12.99 13.59 1.75
C THR B 83 12.01 12.44 1.82
N ILE B 84 12.10 11.55 0.81
CA ILE B 84 11.18 10.42 0.64
C ILE B 84 9.77 10.96 0.30
N ASN B 85 9.73 12.03 -0.48
CA ASN B 85 8.47 12.64 -0.90
C ASN B 85 8.12 12.17 -2.30
N ASN B 86 6.83 12.13 -2.61
CA ASN B 86 6.31 11.68 -3.90
C ASN B 86 6.72 10.22 -4.16
N ASP B 87 6.60 9.43 -3.08
CA ASP B 87 6.94 8.02 -2.99
C ASP B 87 5.89 7.05 -3.61
N ILE B 88 5.83 7.07 -4.93
CA ILE B 88 4.90 6.24 -5.67
C ILE B 88 5.49 5.79 -7.00
N THR B 89 5.42 4.49 -7.23
CA THR B 89 5.92 3.94 -8.48
C THR B 89 4.88 3.01 -9.07
N LEU B 90 4.79 3.06 -10.39
CA LEU B 90 3.88 2.21 -11.11
C LEU B 90 4.68 1.07 -11.69
N LEU B 91 4.05 -0.09 -11.75
CA LEU B 91 4.69 -1.25 -12.32
C LEU B 91 3.82 -1.76 -13.46
N LYS B 92 4.32 -1.71 -14.68
CA LYS B 92 3.59 -2.22 -15.84
C LYS B 92 3.90 -3.73 -15.87
N LEU B 93 2.88 -4.55 -15.84
CA LEU B 93 3.03 -6.00 -15.84
C LEU B 93 3.20 -6.48 -17.28
N SER B 94 4.16 -7.38 -17.49
CA SER B 94 4.38 -7.93 -18.83
C SER B 94 3.30 -8.98 -19.06
N THR B 95 2.72 -9.47 -17.98
CA THR B 95 1.67 -10.46 -18.04
C THR B 95 0.51 -9.98 -17.14
N ALA B 96 -0.63 -9.76 -17.78
CA ALA B 96 -1.85 -9.29 -17.12
C ALA B 96 -2.52 -10.21 -16.10
N ALA B 97 -2.93 -9.61 -14.99
CA ALA B 97 -3.59 -10.33 -13.93
C ALA B 97 -4.99 -10.79 -14.37
N SER B 98 -5.37 -11.99 -13.94
CA SER B 98 -6.69 -12.49 -14.25
C SER B 98 -7.48 -12.12 -13.00
N PHE B 99 -8.51 -11.30 -13.18
CA PHE B 99 -9.34 -10.87 -12.07
C PHE B 99 -10.31 -11.99 -11.70
N SER B 100 -10.44 -12.22 -10.40
CA SER B 100 -11.27 -13.30 -9.89
C SER B 100 -12.01 -12.88 -8.62
N GLN B 101 -12.38 -13.86 -7.80
CA GLN B 101 -13.05 -13.60 -6.54
C GLN B 101 -12.02 -13.08 -5.53
N THR B 102 -10.75 -13.39 -5.80
CA THR B 102 -9.68 -12.97 -4.91
C THR B 102 -8.72 -11.94 -5.51
N VAL B 103 -8.77 -11.76 -6.82
CA VAL B 103 -7.86 -10.82 -7.43
C VAL B 103 -8.66 -9.71 -8.12
N SER B 104 -8.50 -8.48 -7.63
CA SER B 104 -9.21 -7.35 -8.21
C SER B 104 -8.56 -5.98 -7.91
N ALA B 105 -9.18 -4.92 -8.42
CA ALA B 105 -8.67 -3.57 -8.27
C ALA B 105 -9.30 -2.66 -7.19
N VAL B 106 -8.47 -1.85 -6.54
CA VAL B 106 -8.93 -0.89 -5.52
C VAL B 106 -9.19 0.40 -6.31
N CYS B 107 -10.09 1.25 -5.80
CA CYS B 107 -10.42 2.50 -6.48
C CYS B 107 -9.46 3.63 -6.18
N LEU B 108 -9.23 4.47 -7.18
CA LEU B 108 -8.35 5.62 -7.05
C LEU B 108 -9.17 6.86 -6.79
N PRO B 109 -8.69 7.75 -5.93
CA PRO B 109 -9.45 8.97 -5.65
C PRO B 109 -9.26 10.04 -6.75
N SER B 110 -10.08 11.08 -6.70
CA SER B 110 -10.00 12.20 -7.65
C SER B 110 -8.98 13.12 -6.98
N ALA B 111 -8.32 13.99 -7.74
CA ALA B 111 -7.35 14.92 -7.15
C ALA B 111 -8.09 15.77 -6.11
N SER B 112 -9.34 16.04 -6.46
CA SER B 112 -10.27 16.83 -5.66
C SER B 112 -10.82 16.08 -4.44
N ASP B 113 -10.60 14.76 -4.39
CA ASP B 113 -11.08 13.92 -3.29
C ASP B 113 -10.63 14.43 -1.93
N ASP B 114 -11.54 14.31 -0.97
CA ASP B 114 -11.34 14.81 0.38
C ASP B 114 -11.47 13.73 1.44
N PHE B 115 -10.46 13.63 2.29
CA PHE B 115 -10.45 12.65 3.37
C PHE B 115 -10.06 13.35 4.69
N ALA B 116 -11.07 13.66 5.48
CA ALA B 116 -10.87 14.38 6.73
C ALA B 116 -10.13 13.63 7.85
N ALA B 117 -9.54 14.40 8.76
CA ALA B 117 -8.86 13.84 9.92
C ALA B 117 -9.96 13.23 10.80
N GLY B 118 -9.60 12.25 11.60
CA GLY B 118 -10.59 11.62 12.45
C GLY B 118 -11.36 10.52 11.73
N THR B 119 -11.16 10.39 10.42
CA THR B 119 -11.80 9.35 9.62
C THR B 119 -11.00 8.05 9.73
N THR B 120 -11.70 6.95 10.02
CA THR B 120 -11.10 5.63 10.16
C THR B 120 -11.04 4.86 8.83
N CYS B 121 -9.82 4.39 8.50
CA CYS B 121 -9.51 3.65 7.26
C CYS B 121 -8.85 2.33 7.62
N VAL B 122 -8.23 1.66 6.64
CA VAL B 122 -7.60 0.35 6.85
C VAL B 122 -6.25 0.15 6.13
N THR B 123 -5.28 -0.44 6.81
CA THR B 123 -4.00 -0.72 6.18
C THR B 123 -3.78 -2.25 6.25
N THR B 124 -3.19 -2.81 5.19
CA THR B 124 -2.93 -4.25 5.14
C THR B 124 -1.47 -4.57 4.67
N GLY B 125 -1.07 -5.83 4.78
CA GLY B 125 0.26 -6.26 4.37
C GLY B 125 0.95 -7.30 5.25
N TRP B 126 2.07 -7.84 4.79
CA TRP B 126 2.83 -8.83 5.55
C TRP B 126 4.10 -8.28 6.22
N GLY B 127 4.03 -7.06 6.73
CA GLY B 127 5.19 -6.48 7.38
C GLY B 127 5.29 -6.89 8.83
N LEU B 128 6.46 -6.70 9.44
CA LEU B 128 6.71 -7.07 10.84
C LEU B 128 5.51 -6.80 11.76
N THR B 129 5.18 -7.79 12.58
CA THR B 129 4.07 -7.73 13.53
C THR B 129 4.57 -7.24 14.90
N ARG B 130 5.89 -7.27 15.05
CA ARG B 130 6.62 -6.83 16.24
C ARG B 130 7.88 -6.27 15.62
N TYR B 131 8.66 -5.57 16.42
CA TYR B 131 9.92 -5.08 15.92
C TYR B 131 11.03 -5.80 16.72
N THR C 3 8.16 -11.23 10.22
CA THR C 3 7.22 -11.15 9.05
C THR C 3 6.15 -12.24 9.19
N PRO C 4 4.85 -11.88 9.21
CA PRO C 4 3.78 -12.90 9.34
C PRO C 4 3.56 -13.70 8.05
N ASP C 5 3.08 -14.94 8.19
CA ASP C 5 2.83 -15.76 7.02
C ASP C 5 1.58 -15.30 6.30
N ARG C 6 0.53 -14.97 7.03
CA ARG C 6 -0.69 -14.52 6.36
C ARG C 6 -0.95 -13.05 6.53
N LEU C 7 -1.76 -12.53 5.61
CA LEU C 7 -2.14 -11.13 5.52
C LEU C 7 -2.80 -10.54 6.77
N GLN C 8 -2.25 -9.44 7.29
CA GLN C 8 -2.81 -8.78 8.46
C GLN C 8 -3.60 -7.53 8.00
N GLN C 9 -4.30 -6.88 8.94
CA GLN C 9 -5.12 -5.70 8.67
C GLN C 9 -5.23 -4.87 9.94
N ALA C 10 -5.46 -3.57 9.78
CA ALA C 10 -5.60 -2.70 10.95
C ALA C 10 -6.33 -1.41 10.61
N SER C 11 -7.32 -1.11 11.46
CA SER C 11 -8.10 0.09 11.35
C SER C 11 -7.24 1.18 12.04
N LEU C 12 -7.34 2.41 11.56
CA LEU C 12 -6.59 3.52 12.11
C LEU C 12 -7.13 4.82 11.52
N PRO C 13 -7.01 5.94 12.26
CA PRO C 13 -7.50 7.21 11.76
C PRO C 13 -6.51 8.04 10.96
N LEU C 14 -7.03 8.94 10.13
CA LEU C 14 -6.22 9.88 9.37
C LEU C 14 -6.03 11.10 10.29
N LEU C 15 -4.82 11.65 10.28
CA LEU C 15 -4.49 12.82 11.09
C LEU C 15 -4.37 13.97 10.13
N SER C 16 -4.14 15.15 10.69
CA SER C 16 -3.94 16.32 9.86
C SER C 16 -2.41 16.50 9.77
N ASN C 17 -1.93 17.06 8.66
CA ASN C 17 -0.49 17.28 8.47
C ASN C 17 0.01 18.18 9.60
N THR C 18 -0.80 19.19 9.94
CA THR C 18 -0.49 20.17 11.00
C THR C 18 -0.24 19.48 12.34
N ASN C 19 -1.12 18.53 12.65
CA ASN C 19 -1.11 17.73 13.85
C ASN C 19 0.02 16.69 13.81
N CYS C 20 0.34 16.28 12.58
CA CYS C 20 1.40 15.31 12.30
C CYS C 20 2.80 15.97 12.32
N LYS C 21 2.85 17.28 12.03
CA LYS C 21 4.10 18.01 12.05
C LYS C 21 4.52 18.18 13.52
N LYS C 22 3.60 17.90 14.42
CA LYS C 22 3.92 18.00 15.82
C LYS C 22 4.83 16.83 16.16
N TYR C 23 4.66 15.71 15.47
CA TYR C 23 5.50 14.54 15.70
C TYR C 23 6.74 14.57 14.81
N TRP C 24 6.53 14.81 13.51
CA TRP C 24 7.59 14.80 12.49
C TRP C 24 8.11 16.13 11.99
N GLY C 25 7.54 17.23 12.46
CA GLY C 25 7.96 18.53 12.01
C GLY C 25 7.97 18.73 10.49
N THR C 26 9.07 19.31 10.03
CA THR C 26 9.32 19.64 8.63
C THR C 26 9.64 18.45 7.70
N LYS C 27 9.58 17.23 8.23
CA LYS C 27 9.83 16.05 7.39
C LYS C 27 8.52 15.74 6.65
N ILE C 28 7.39 16.20 7.21
CA ILE C 28 6.08 16.01 6.60
C ILE C 28 5.95 17.03 5.49
N LYS C 29 5.74 16.54 4.27
CA LYS C 29 5.62 17.36 3.08
C LYS C 29 4.19 17.23 2.58
N ASP C 30 3.86 18.04 1.58
CA ASP C 30 2.54 18.05 0.98
C ASP C 30 2.00 16.75 0.41
N ALA C 31 2.85 15.93 -0.19
CA ALA C 31 2.39 14.66 -0.74
C ALA C 31 2.55 13.51 0.26
N MET C 32 2.28 13.78 1.53
CA MET C 32 2.36 12.77 2.56
C MET C 32 1.10 12.95 3.43
N ILE C 33 0.60 11.85 3.97
CA ILE C 33 -0.60 11.86 4.81
C ILE C 33 -0.33 10.88 5.95
N CYS C 34 -0.59 11.32 7.17
CA CYS C 34 -0.35 10.49 8.34
C CYS C 34 -1.59 9.79 8.85
N ALA C 35 -1.35 8.69 9.55
CA ALA C 35 -2.39 7.84 10.13
C ALA C 35 -1.70 6.99 11.17
N GLY C 36 -2.39 6.76 12.28
CA GLY C 36 -1.80 5.97 13.33
C GLY C 36 -1.90 6.67 14.66
N ALA C 37 -0.93 6.38 15.55
CA ALA C 37 -0.86 6.91 16.91
C ALA C 37 -2.09 6.43 17.70
N SER C 38 -2.79 5.45 17.09
CA SER C 38 -4.03 4.84 17.57
C SER C 38 -3.89 3.54 18.37
N GLY C 39 -2.68 2.97 18.34
CA GLY C 39 -2.44 1.71 19.01
C GLY C 39 -1.96 0.68 18.03
N VAL C 40 -2.01 0.98 16.73
CA VAL C 40 -1.51 0.08 15.69
C VAL C 40 -0.42 0.87 14.94
N SER C 41 0.36 0.17 14.12
CA SER C 41 1.43 0.82 13.36
C SER C 41 1.84 -0.07 12.18
N SER C 42 2.06 0.57 11.02
CA SER C 42 2.55 -0.18 9.87
C SER C 42 4.06 -0.34 10.16
N CYS C 43 4.70 -1.34 9.57
CA CYS C 43 6.07 -1.61 9.89
C CYS C 43 6.86 -2.09 8.68
N MET C 44 8.16 -2.31 8.86
CA MET C 44 9.02 -2.77 7.78
C MET C 44 8.41 -3.96 7.06
N GLY C 45 8.31 -3.88 5.74
CA GLY C 45 7.74 -4.97 4.98
C GLY C 45 6.34 -4.64 4.54
N ASP C 46 5.73 -3.63 5.17
CA ASP C 46 4.41 -3.19 4.79
C ASP C 46 4.50 -2.13 3.70
N SER C 47 5.68 -1.51 3.57
CA SER C 47 5.96 -0.46 2.58
C SER C 47 5.39 -0.79 1.20
N GLY C 48 4.95 0.25 0.49
CA GLY C 48 4.38 0.04 -0.83
C GLY C 48 2.91 -0.29 -0.71
N GLY C 49 2.53 -0.84 0.44
CA GLY C 49 1.16 -1.25 0.70
C GLY C 49 0.10 -0.17 0.72
N PRO C 50 -1.16 -0.59 0.67
CA PRO C 50 -2.32 0.32 0.67
C PRO C 50 -2.98 0.76 1.97
N LEU C 51 -3.41 2.03 1.96
CA LEU C 51 -4.17 2.61 3.05
C LEU C 51 -5.48 2.95 2.33
N VAL C 52 -6.54 2.24 2.69
CA VAL C 52 -7.84 2.43 2.05
C VAL C 52 -8.92 2.95 2.99
N CYS C 53 -9.79 3.80 2.44
CA CYS C 53 -10.91 4.36 3.16
C CYS C 53 -12.09 4.12 2.23
N LYS C 54 -13.29 3.96 2.78
CA LYS C 54 -14.46 3.74 1.93
C LYS C 54 -15.09 5.10 1.62
N LYS C 55 -15.41 5.30 0.35
CA LYS C 55 -16.03 6.53 -0.13
C LYS C 55 -17.10 6.02 -1.11
N ASN C 56 -18.36 6.28 -0.78
CA ASN C 56 -19.50 5.85 -1.60
C ASN C 56 -19.54 4.33 -1.60
N GLY C 57 -19.18 3.73 -0.45
CA GLY C 57 -19.18 2.29 -0.32
C GLY C 57 -18.16 1.52 -1.13
N ALA C 58 -17.20 2.22 -1.72
CA ALA C 58 -16.15 1.58 -2.50
C ALA C 58 -14.84 1.89 -1.82
N TRP C 59 -13.99 0.88 -1.70
CA TRP C 59 -12.68 1.03 -1.08
C TRP C 59 -11.81 1.81 -2.06
N THR C 60 -11.30 2.94 -1.61
CA THR C 60 -10.46 3.80 -2.44
C THR C 60 -9.08 4.17 -1.83
N LEU C 61 -8.04 4.01 -2.64
CA LEU C 61 -6.66 4.31 -2.30
C LEU C 61 -6.40 5.74 -1.80
N VAL C 62 -6.11 5.87 -0.51
CA VAL C 62 -5.85 7.14 0.12
C VAL C 62 -4.36 7.32 0.43
N GLY C 63 -3.65 6.22 0.62
CA GLY C 63 -2.22 6.30 0.92
C GLY C 63 -1.40 5.07 0.62
N ILE C 64 -0.07 5.27 0.53
CA ILE C 64 0.89 4.18 0.28
C ILE C 64 1.86 4.12 1.47
N VAL C 65 1.98 2.94 2.09
CA VAL C 65 2.87 2.75 3.24
C VAL C 65 4.29 3.21 2.85
N SER C 66 4.72 4.30 3.47
CA SER C 66 6.01 4.88 3.17
C SER C 66 7.04 4.73 4.29
N TRP C 67 6.85 5.50 5.38
CA TRP C 67 7.79 5.48 6.50
C TRP C 67 7.19 5.88 7.84
N GLY C 68 8.02 5.80 8.88
CA GLY C 68 7.58 6.18 10.22
C GLY C 68 8.66 5.95 11.26
N SER C 69 8.21 5.49 12.43
CA SER C 69 9.06 5.19 13.57
C SER C 69 10.00 3.99 13.28
N SER C 70 11.28 4.09 13.64
CA SER C 70 12.23 3.01 13.41
C SER C 70 11.85 1.74 14.23
N THR C 71 11.10 1.97 15.28
CA THR C 71 10.65 0.96 16.21
C THR C 71 9.17 0.58 15.97
N CYS C 72 8.58 1.13 14.91
CA CYS C 72 7.18 0.89 14.58
C CYS C 72 6.26 1.20 15.78
N SER C 73 6.60 2.28 16.49
CA SER C 73 5.85 2.71 17.67
C SER C 73 4.38 3.03 17.37
N THR C 74 3.52 2.33 18.09
CA THR C 74 2.08 2.42 17.96
C THR C 74 1.41 3.66 18.56
N SER C 75 2.24 4.57 19.06
CA SER C 75 1.83 5.83 19.65
C SER C 75 2.25 6.92 18.66
N THR C 76 3.20 6.57 17.78
CA THR C 76 3.74 7.48 16.78
C THR C 76 3.06 7.21 15.43
N PRO C 77 2.56 8.28 14.76
CA PRO C 77 1.88 8.15 13.47
C PRO C 77 2.78 7.73 12.31
N GLY C 78 2.24 6.84 11.48
CA GLY C 78 2.96 6.35 10.32
C GLY C 78 2.79 7.35 9.20
N VAL C 79 3.67 7.30 8.21
CA VAL C 79 3.60 8.22 7.08
C VAL C 79 3.42 7.46 5.77
N TYR C 80 2.38 7.87 5.04
CA TYR C 80 1.97 7.26 3.79
C TYR C 80 2.00 8.34 2.70
N ALA C 81 2.23 7.93 1.46
CA ALA C 81 2.21 8.82 0.31
C ALA C 81 0.74 9.20 0.01
N ARG C 82 0.49 10.50 -0.11
CA ARG C 82 -0.85 11.04 -0.37
C ARG C 82 -1.33 10.78 -1.81
N VAL C 83 -2.08 9.69 -2.00
CA VAL C 83 -2.57 9.32 -3.33
C VAL C 83 -3.37 10.41 -4.04
N THR C 84 -4.07 11.22 -3.26
CA THR C 84 -4.86 12.33 -3.79
C THR C 84 -3.94 13.29 -4.58
N ALA C 85 -2.74 13.52 -4.04
CA ALA C 85 -1.76 14.41 -4.68
C ALA C 85 -1.00 13.71 -5.83
N LEU C 86 -1.04 12.39 -5.85
CA LEU C 86 -0.32 11.63 -6.84
C LEU C 86 -1.14 10.93 -7.90
N VAL C 87 -2.46 11.14 -7.90
CA VAL C 87 -3.34 10.51 -8.90
C VAL C 87 -3.27 11.18 -10.28
N ASN C 88 -2.90 12.46 -10.33
CA ASN C 88 -2.80 13.09 -11.65
C ASN C 88 -1.67 12.48 -12.49
N TRP C 89 -0.50 12.29 -11.88
CA TRP C 89 0.68 11.66 -12.52
C TRP C 89 0.37 10.21 -12.94
N VAL C 90 -0.42 9.51 -12.12
CA VAL C 90 -0.77 8.13 -12.42
C VAL C 90 -1.65 8.09 -13.66
N GLN C 91 -2.62 9.01 -13.73
CA GLN C 91 -3.54 9.08 -14.87
C GLN C 91 -2.84 9.44 -16.18
N GLN C 92 -1.79 10.25 -16.04
CA GLN C 92 -0.95 10.72 -17.14
C GLN C 92 -0.09 9.58 -17.65
N THR C 93 0.44 8.78 -16.71
CA THR C 93 1.28 7.65 -17.02
C THR C 93 0.51 6.52 -17.71
N LEU C 94 -0.64 6.15 -17.17
CA LEU C 94 -1.42 5.07 -17.77
C LEU C 94 -1.94 5.41 -19.15
N ALA C 95 -2.23 6.69 -19.38
CA ALA C 95 -2.73 7.14 -20.66
C ALA C 95 -1.68 7.00 -21.74
N ALA C 96 -0.48 7.47 -21.43
CA ALA C 96 0.66 7.44 -22.33
C ALA C 96 1.38 6.11 -22.51
N ASN C 97 1.09 5.12 -21.65
CA ASN C 97 1.74 3.80 -21.71
C ASN C 97 0.73 2.65 -21.69
N PRO D 1 17.52 1.34 8.98
CA PRO D 1 16.21 1.75 8.38
C PRO D 1 15.60 2.99 9.04
N GLY D 2 14.31 3.23 8.76
CA GLY D 2 13.55 4.35 9.25
C GLY D 2 12.32 4.40 8.35
N ALA D 3 12.52 3.93 7.12
CA ALA D 3 11.50 3.84 6.10
C ALA D 3 11.16 2.36 5.94
#